data_5KGO
#
_entry.id   5KGO
#
_cell.length_a   65.573
_cell.length_b   74.569
_cell.length_c   135.538
_cell.angle_alpha   90.000
_cell.angle_beta   90.000
_cell.angle_gamma   90.000
#
_symmetry.space_group_name_H-M   'P 21 21 21'
#
loop_
_entity.id
_entity.type
_entity.pdbx_description
1 polymer 'Flagellar brake protein YcgR'
2 non-polymer "9,9'-[(2R,3R,3aS,5S,7aR,9R,10R,10aS,12S,14aR)-3,5,10,12-tetrahydroxy-5,12-dioxidooctahydro-2H,7H-difuro[3,2-d:3',2'-j][1,3,7,9,2,8]tetraoxadiphosphacyclododecine-2,9-diyl]bis(2-amino-1,9-dihydro-6H-purin-6-one)"
#
_entity_poly.entity_id   1
_entity_poly.type   'polypeptide(L)'
_entity_poly.pdbx_seq_one_letter_code
;GSHMTEGTIKTSKYEIIAIFREELRKRTEIEIFFNNTSIITQLTRVDFAEFHIQTHRKIPSGHKIRFLLHSDSGKIEFNA
ALTKHDNSGVDKGIRYAFSLPECLQVVQRRRDPRFRLRAEHDFYCRGRHKNGENYLFDIKDISDGGCALMTKTPNLKFLS
HDALLKNAVLMLAEYGEITIDLVVKNVIVITLDNANEESESYYQISCQFKFRHLDDQRRIEKILLDLILEAKRKK
;
_entity_poly.pdbx_strand_id   D,A
#
loop_
_chem_comp.id
_chem_comp.type
_chem_comp.name
_chem_comp.formula
C2E non-polymer 9,9'-[(2R,3R,3aS,5S,7aR,9R,10R,10aS,12S,14aR)-3,5,10,12-tetrahydroxy-5,12-dioxidooctahydro-2H,7H-difuro[3,2-d:3',2'-j][1,3,7,9,2,8]tetraoxadiphosphacyclododecine-2,9-diyl]bis(2-amino-1,9-dihydro-6H-purin-6-one) 'C20 H24 N10 O14 P2'
#
# COMPACT_ATOMS: atom_id res chain seq x y z
N GLU A 6 9.41 35.12 7.27
CA GLU A 6 10.47 36.06 6.95
C GLU A 6 10.33 36.63 5.54
N GLY A 7 11.31 37.44 5.14
CA GLY A 7 11.33 38.04 3.83
C GLY A 7 12.54 38.94 3.66
N THR A 8 13.31 38.68 2.61
CA THR A 8 14.51 39.46 2.35
C THR A 8 14.89 39.41 0.87
N ILE A 9 15.42 40.51 0.36
CA ILE A 9 15.77 40.61 -1.06
C ILE A 9 17.24 40.88 -1.26
N LYS A 10 17.88 40.14 -2.16
CA LYS A 10 19.29 40.31 -2.44
C LYS A 10 19.54 40.88 -3.83
N THR A 11 20.38 41.90 -3.88
CA THR A 11 20.70 42.59 -5.13
C THR A 11 22.18 42.46 -5.44
N SER A 12 22.99 42.45 -4.39
CA SER A 12 24.44 42.48 -4.57
C SER A 12 24.96 41.42 -5.54
N LYS A 13 25.51 41.85 -6.66
CA LYS A 13 26.13 40.93 -7.61
C LYS A 13 27.03 39.93 -6.90
N TYR A 14 27.64 40.33 -5.79
CA TYR A 14 28.58 39.43 -5.10
C TYR A 14 27.88 38.35 -4.30
N GLU A 15 26.90 38.75 -3.49
CA GLU A 15 26.13 37.79 -2.72
C GLU A 15 25.51 36.77 -3.65
N ILE A 16 25.03 37.24 -4.78
CA ILE A 16 24.37 36.38 -5.75
C ILE A 16 25.25 35.23 -6.25
N ILE A 17 26.41 35.54 -6.84
CA ILE A 17 27.26 34.46 -7.33
C ILE A 17 27.92 33.64 -6.22
N ALA A 18 28.15 34.29 -5.08
CA ALA A 18 28.65 33.58 -3.91
C ALA A 18 27.63 32.54 -3.49
N ILE A 19 26.36 32.87 -3.68
CA ILE A 19 25.27 31.98 -3.33
C ILE A 19 25.07 30.89 -4.38
N PHE A 20 25.26 31.25 -5.64
CA PHE A 20 25.13 30.29 -6.72
C PHE A 20 26.24 29.25 -6.74
N ARG A 21 27.22 29.42 -5.87
CA ARG A 21 28.36 28.53 -5.87
C ARG A 21 28.40 27.64 -4.63
N GLU A 22 27.88 28.16 -3.52
CA GLU A 22 27.76 27.38 -2.30
C GLU A 22 26.64 26.35 -2.49
N GLU A 23 25.88 26.53 -3.57
CA GLU A 23 24.77 25.66 -3.89
C GLU A 23 25.08 24.72 -5.06
N LEU A 24 26.08 25.09 -5.86
CA LEU A 24 26.60 24.21 -6.90
C LEU A 24 27.42 23.15 -6.19
N ARG A 25 28.27 23.64 -5.30
CA ARG A 25 29.18 22.83 -4.51
C ARG A 25 28.43 21.89 -3.58
N LYS A 26 27.37 22.41 -2.96
CA LYS A 26 26.51 21.66 -2.05
C LYS A 26 25.53 20.73 -2.80
N ARG A 27 25.52 20.83 -4.14
CA ARG A 27 24.70 19.97 -5.01
C ARG A 27 23.24 20.00 -4.60
N THR A 28 22.71 21.20 -4.42
CA THR A 28 21.35 21.35 -3.90
C THR A 28 20.35 21.39 -5.04
N GLU A 29 19.10 21.06 -4.73
CA GLU A 29 18.08 20.91 -5.75
C GLU A 29 17.62 22.26 -6.25
N ILE A 30 17.46 22.38 -7.56
CA ILE A 30 16.88 23.57 -8.17
C ILE A 30 15.66 23.18 -8.97
N GLU A 31 14.56 23.86 -8.71
CA GLU A 31 13.27 23.54 -9.32
C GLU A 31 12.88 24.59 -10.35
N ILE A 32 12.60 24.13 -11.57
CA ILE A 32 12.26 24.99 -12.70
C ILE A 32 10.78 24.88 -13.09
N PHE A 33 10.13 26.02 -13.31
CA PHE A 33 8.71 26.05 -13.62
C PHE A 33 8.43 26.41 -15.07
N PHE A 34 7.60 25.61 -15.72
CA PHE A 34 7.22 25.83 -17.11
C PHE A 34 6.28 24.72 -17.58
N ASN A 35 5.69 24.92 -18.76
CA ASN A 35 4.56 24.10 -19.21
C ASN A 35 3.45 24.25 -18.19
N ASN A 36 3.24 23.22 -17.40
CA ASN A 36 2.31 23.32 -16.28
C ASN A 36 2.92 22.86 -14.96
N THR A 37 3.74 21.82 -15.03
CA THR A 37 4.39 21.29 -13.84
C THR A 37 5.71 22.00 -13.53
N SER A 38 6.49 21.41 -12.62
CA SER A 38 7.83 21.90 -12.31
C SER A 38 8.81 20.74 -12.30
N ILE A 39 10.03 21.00 -12.72
CA ILE A 39 11.06 19.98 -12.73
C ILE A 39 12.14 20.30 -11.70
N ILE A 40 12.58 19.28 -10.97
CA ILE A 40 13.64 19.42 -10.00
C ILE A 40 14.94 18.83 -10.54
N THR A 41 16.05 19.51 -10.28
CA THR A 41 17.35 19.06 -10.74
C THR A 41 18.47 19.85 -10.04
N GLN A 42 19.66 19.83 -10.64
CA GLN A 42 20.80 20.47 -10.03
C GLN A 42 21.52 21.41 -10.97
N LEU A 43 22.32 22.30 -10.39
CA LEU A 43 23.24 23.13 -11.15
C LEU A 43 24.42 22.27 -11.61
N THR A 44 25.00 22.60 -12.76
CA THR A 44 26.16 21.86 -13.24
C THR A 44 27.33 22.80 -13.57
N ARG A 45 27.02 24.08 -13.75
CA ARG A 45 28.04 25.11 -14.02
C ARG A 45 27.54 26.47 -13.58
N VAL A 46 28.49 27.30 -13.15
CA VAL A 46 28.20 28.68 -12.76
C VAL A 46 29.40 29.57 -13.07
N ASP A 47 29.18 30.61 -13.87
CA ASP A 47 30.22 31.59 -14.13
C ASP A 47 29.73 33.01 -13.88
N PHE A 48 30.50 33.99 -14.34
CA PHE A 48 30.23 35.40 -14.04
C PHE A 48 28.89 35.91 -14.56
N ALA A 49 28.32 35.23 -15.55
CA ALA A 49 27.10 35.71 -16.18
C ALA A 49 26.03 34.65 -16.32
N GLU A 50 26.43 33.39 -16.21
CA GLU A 50 25.50 32.31 -16.46
C GLU A 50 25.55 31.20 -15.41
N PHE A 51 24.50 30.40 -15.39
CA PHE A 51 24.51 29.15 -14.64
C PHE A 51 23.89 28.13 -15.56
N HIS A 52 24.21 26.86 -15.36
CA HIS A 52 23.74 25.82 -16.26
C HIS A 52 23.02 24.70 -15.53
N ILE A 53 22.04 24.11 -16.21
CA ILE A 53 21.37 22.92 -15.73
C ILE A 53 21.25 21.99 -16.91
N GLN A 54 20.80 20.77 -16.65
CA GLN A 54 20.67 19.76 -17.68
C GLN A 54 19.42 18.92 -17.47
N THR A 55 18.54 18.91 -18.46
CA THR A 55 17.32 18.13 -18.39
C THR A 55 17.01 17.60 -19.78
N HIS A 56 16.24 16.52 -19.87
CA HIS A 56 15.88 16.00 -21.19
C HIS A 56 14.53 16.56 -21.67
N ARG A 57 13.93 17.44 -20.87
CA ARG A 57 12.73 18.17 -21.28
C ARG A 57 13.12 19.37 -22.14
N LYS A 58 12.11 20.17 -22.52
CA LYS A 58 12.32 21.37 -23.32
C LYS A 58 11.63 22.57 -22.67
N ILE A 59 12.15 23.76 -22.92
CA ILE A 59 11.70 24.97 -22.23
C ILE A 59 11.46 26.15 -23.18
N PRO A 60 10.34 26.88 -22.97
CA PRO A 60 9.95 28.08 -23.71
C PRO A 60 11.07 29.11 -23.82
N SER A 61 11.83 29.01 -24.91
CA SER A 61 12.83 30.02 -25.24
C SER A 61 12.21 31.41 -25.18
N GLY A 62 13.05 32.44 -25.06
CA GLY A 62 12.56 33.80 -25.04
C GLY A 62 11.47 34.07 -24.01
N HIS A 63 11.86 34.00 -22.74
CA HIS A 63 10.95 34.28 -21.65
C HIS A 63 11.64 34.05 -20.31
N LYS A 64 11.46 34.99 -19.38
CA LYS A 64 11.97 34.83 -18.03
C LYS A 64 11.22 33.72 -17.31
N ILE A 65 11.76 32.50 -17.30
CA ILE A 65 11.12 31.40 -16.58
C ILE A 65 11.45 31.44 -15.08
N ARG A 66 10.63 30.80 -14.26
CA ARG A 66 10.76 30.89 -12.81
C ARG A 66 11.59 29.77 -12.17
N PHE A 67 12.53 30.15 -11.32
CA PHE A 67 13.35 29.17 -10.61
C PHE A 67 13.16 29.29 -9.11
N LEU A 68 13.62 28.26 -8.41
CA LEU A 68 13.53 28.22 -6.96
C LEU A 68 14.54 27.22 -6.41
N LEU A 69 15.40 27.69 -5.51
CA LEU A 69 16.44 26.85 -4.92
C LEU A 69 16.01 26.30 -3.57
N HIS A 70 16.17 24.99 -3.39
CA HIS A 70 15.96 24.36 -2.11
C HIS A 70 17.26 24.46 -1.32
N SER A 71 17.49 25.57 -0.65
CA SER A 71 18.74 25.76 0.07
C SER A 71 18.53 25.55 1.55
N ASP A 72 19.62 25.37 2.28
CA ASP A 72 19.57 25.21 3.73
C ASP A 72 19.34 26.56 4.39
N SER A 73 19.40 27.62 3.59
CA SER A 73 19.18 28.97 4.10
C SER A 73 17.72 29.39 3.95
N GLY A 74 16.94 28.52 3.32
CA GLY A 74 15.53 28.80 3.06
C GLY A 74 15.23 28.79 1.58
N LYS A 75 14.00 29.11 1.22
CA LYS A 75 13.58 29.17 -0.18
C LYS A 75 14.21 30.36 -0.87
N ILE A 76 14.84 30.12 -2.02
CA ILE A 76 15.44 31.23 -2.76
C ILE A 76 14.84 31.34 -4.17
N GLU A 77 13.99 32.35 -4.37
CA GLU A 77 13.26 32.49 -5.63
C GLU A 77 13.78 33.60 -6.54
N PHE A 78 13.73 33.35 -7.85
CA PHE A 78 14.18 34.32 -8.83
C PHE A 78 13.70 33.96 -10.23
N ASN A 79 13.89 34.88 -11.17
CA ASN A 79 13.49 34.67 -12.56
C ASN A 79 14.63 35.00 -13.52
N ALA A 80 14.91 34.08 -14.43
CA ALA A 80 15.99 34.27 -15.39
C ALA A 80 15.52 33.84 -16.77
N ALA A 81 16.25 34.27 -17.81
CA ALA A 81 15.87 33.93 -19.17
C ALA A 81 16.88 33.00 -19.81
N LEU A 82 16.37 31.96 -20.46
CA LEU A 82 17.21 31.05 -21.22
C LEU A 82 18.09 31.86 -22.15
N THR A 83 19.35 31.48 -22.26
CA THR A 83 20.29 32.20 -23.11
C THR A 83 20.85 31.27 -24.19
N LYS A 84 21.20 30.06 -23.79
CA LYS A 84 21.71 29.06 -24.72
C LYS A 84 21.04 27.71 -24.49
N HIS A 85 21.06 26.87 -25.52
CA HIS A 85 20.65 25.47 -25.38
C HIS A 85 21.38 24.55 -26.39
N ASP A 86 21.99 23.47 -25.88
CA ASP A 86 22.72 22.54 -26.73
C ASP A 86 22.07 21.16 -26.70
N ASN A 87 22.17 20.44 -27.81
CA ASN A 87 21.57 19.13 -27.96
C ASN A 87 22.64 18.10 -28.27
N SER A 88 22.69 17.02 -27.50
CA SER A 88 23.71 15.99 -27.69
C SER A 88 23.28 14.63 -27.12
N GLY A 89 24.15 13.64 -27.28
CA GLY A 89 23.94 12.33 -26.69
C GLY A 89 22.91 11.46 -27.40
N VAL A 90 23.17 10.16 -27.42
CA VAL A 90 22.19 9.19 -27.92
C VAL A 90 21.03 9.13 -26.94
N ASP A 91 21.37 9.28 -25.66
CA ASP A 91 20.38 9.49 -24.61
C ASP A 91 20.25 11.00 -24.44
N LYS A 92 19.16 11.55 -24.94
CA LYS A 92 19.02 13.00 -25.05
C LYS A 92 19.01 13.70 -23.69
N GLY A 93 20.07 14.44 -23.41
CA GLY A 93 20.13 15.30 -22.25
C GLY A 93 20.49 16.70 -22.71
N ILE A 94 19.57 17.64 -22.55
CA ILE A 94 19.75 18.97 -23.12
C ILE A 94 20.46 19.93 -22.16
N ARG A 95 21.24 20.86 -22.70
CA ARG A 95 22.04 21.76 -21.87
C ARG A 95 21.62 23.22 -22.00
N TYR A 96 20.94 23.73 -20.98
CA TYR A 96 20.43 25.09 -21.00
C TYR A 96 21.33 26.03 -20.18
N ALA A 97 21.68 27.17 -20.77
CA ALA A 97 22.48 28.17 -20.09
C ALA A 97 21.66 29.43 -19.88
N PHE A 98 21.44 29.80 -18.62
CA PHE A 98 20.62 30.95 -18.31
C PHE A 98 21.47 32.14 -17.88
N SER A 99 20.82 33.27 -17.65
CA SER A 99 21.54 34.44 -17.16
C SER A 99 21.33 34.58 -15.65
N LEU A 100 22.33 35.11 -14.97
CA LEU A 100 22.23 35.36 -13.54
C LEU A 100 21.21 36.46 -13.26
N PRO A 101 20.25 36.17 -12.37
CA PRO A 101 19.30 37.17 -11.89
C PRO A 101 20.03 38.29 -11.15
N GLU A 102 19.56 39.52 -11.30
CA GLU A 102 20.09 40.64 -10.53
C GLU A 102 19.27 40.75 -9.24
N CYS A 103 18.23 39.92 -9.16
CA CYS A 103 17.30 39.99 -8.05
C CYS A 103 16.97 38.59 -7.57
N LEU A 104 17.24 38.33 -6.29
CA LEU A 104 16.82 37.10 -5.64
C LEU A 104 15.80 37.41 -4.56
N GLN A 105 15.29 36.37 -3.91
CA GLN A 105 14.47 36.54 -2.73
C GLN A 105 14.62 35.34 -1.82
N VAL A 106 14.89 35.59 -0.56
CA VAL A 106 15.10 34.49 0.38
C VAL A 106 14.00 34.47 1.42
N VAL A 107 13.35 33.32 1.55
CA VAL A 107 12.27 33.16 2.53
C VAL A 107 12.51 31.94 3.41
N GLN A 108 12.51 32.16 4.71
CA GLN A 108 12.74 31.10 5.68
C GLN A 108 11.83 31.33 6.88
N ARG A 109 10.79 30.51 7.00
CA ARG A 109 9.77 30.72 7.99
C ARG A 109 9.70 29.58 9.00
N ARG A 110 10.65 28.64 8.89
CA ARG A 110 10.66 27.48 9.76
C ARG A 110 11.52 27.71 11.00
N ARG A 111 10.94 27.46 12.16
CA ARG A 111 11.68 27.60 13.41
C ARG A 111 12.19 26.24 13.89
N ASP A 112 12.29 25.30 12.95
CA ASP A 112 12.78 23.95 13.22
C ASP A 112 13.41 23.38 11.95
N PRO A 113 14.66 22.93 12.04
CA PRO A 113 15.33 22.35 10.86
C PRO A 113 14.76 20.97 10.50
N ARG A 114 14.40 20.78 9.23
CA ARG A 114 13.86 19.50 8.78
C ARG A 114 14.97 18.56 8.28
N PHE A 115 15.13 17.45 9.01
CA PHE A 115 16.12 16.43 8.66
C PHE A 115 15.68 15.55 7.49
N ARG A 116 16.57 15.37 6.54
CA ARG A 116 16.27 14.64 5.30
C ARG A 116 16.66 13.18 5.39
N LEU A 117 15.73 12.29 5.06
CA LEU A 117 15.97 10.85 5.16
C LEU A 117 16.59 10.24 3.91
N ARG A 118 17.46 9.24 4.10
CA ARG A 118 18.21 8.64 3.00
C ARG A 118 18.02 7.13 2.92
N ALA A 119 18.88 6.47 2.14
CA ALA A 119 18.77 5.04 1.91
C ALA A 119 18.75 4.24 3.22
N GLU A 120 19.68 4.56 4.12
CA GLU A 120 19.80 3.83 5.38
C GLU A 120 18.66 4.13 6.36
N HIS A 121 17.56 4.69 5.86
CA HIS A 121 16.44 5.00 6.73
C HIS A 121 15.10 4.48 6.18
N ASP A 122 14.76 3.21 6.44
CA ASP A 122 13.47 2.70 5.97
C ASP A 122 12.32 3.17 6.88
N PHE A 123 12.12 4.48 6.88
CA PHE A 123 11.04 5.09 7.66
C PHE A 123 9.71 5.11 6.90
N TYR A 124 8.65 4.72 7.60
CA TYR A 124 7.34 4.68 7.01
C TYR A 124 6.34 5.36 7.91
N CYS A 125 5.26 5.85 7.32
CA CYS A 125 4.08 6.22 8.08
C CYS A 125 2.92 5.40 7.58
N ARG A 126 2.13 4.86 8.49
CA ARG A 126 1.11 3.91 8.10
C ARG A 126 -0.18 4.08 8.89
N GLY A 127 -1.32 3.88 8.21
CA GLY A 127 -2.61 3.96 8.88
C GLY A 127 -3.79 3.43 8.09
N ARG A 128 -4.98 3.66 8.62
CA ARG A 128 -6.22 3.33 7.92
C ARG A 128 -7.15 4.55 7.86
N HIS A 129 -7.57 4.89 6.65
CA HIS A 129 -8.52 5.98 6.46
C HIS A 129 -9.86 5.67 7.13
N LYS A 130 -10.86 6.54 6.92
CA LYS A 130 -12.18 6.30 7.49
C LYS A 130 -12.92 5.20 6.77
N ASN A 131 -12.72 5.11 5.46
CA ASN A 131 -13.39 4.09 4.66
C ASN A 131 -12.86 2.69 4.90
N GLY A 132 -11.85 2.58 5.75
CA GLY A 132 -11.32 1.29 6.14
C GLY A 132 -10.21 0.77 5.24
N GLU A 133 -9.59 1.68 4.49
CA GLU A 133 -8.47 1.29 3.64
C GLU A 133 -7.14 1.71 4.25
N ASN A 134 -6.08 0.94 4.00
CA ASN A 134 -4.78 1.22 4.56
C ASN A 134 -3.98 2.19 3.71
N TYR A 135 -3.10 2.95 4.35
CA TYR A 135 -2.09 3.68 3.60
C TYR A 135 -0.71 3.37 4.20
N LEU A 136 0.33 3.59 3.40
CA LEU A 136 1.70 3.39 3.86
C LEU A 136 2.61 4.33 3.10
N PHE A 137 2.96 5.43 3.73
CA PHE A 137 3.80 6.43 3.10
C PHE A 137 5.27 6.27 3.49
N ASP A 138 6.17 6.52 2.56
CA ASP A 138 7.56 6.74 2.94
C ASP A 138 7.70 8.13 3.57
N ILE A 139 8.52 8.25 4.61
CA ILE A 139 8.84 9.55 5.18
C ILE A 139 10.01 10.17 4.41
N LYS A 140 9.86 11.41 3.96
CA LYS A 140 10.89 12.07 3.15
C LYS A 140 11.83 12.88 4.02
N ASP A 141 11.24 13.73 4.87
CA ASP A 141 11.99 14.45 5.89
C ASP A 141 11.20 14.41 7.18
N ILE A 142 11.79 14.94 8.26
CA ILE A 142 11.13 14.88 9.55
C ILE A 142 11.69 15.93 10.51
N SER A 143 10.83 16.49 11.36
CA SER A 143 11.24 17.49 12.33
C SER A 143 10.62 17.22 13.68
N ASP A 144 10.67 18.20 14.58
CA ASP A 144 10.09 18.03 15.91
C ASP A 144 8.59 18.29 15.85
N GLY A 145 8.15 18.91 14.76
CA GLY A 145 6.77 19.34 14.63
C GLY A 145 5.98 18.63 13.55
N GLY A 146 6.62 17.71 12.84
CA GLY A 146 5.95 17.01 11.77
C GLY A 146 6.88 16.37 10.75
N CYS A 147 6.33 16.03 9.61
CA CYS A 147 7.04 15.24 8.60
C CYS A 147 6.47 15.47 7.22
N ALA A 148 7.33 15.32 6.21
CA ALA A 148 6.86 15.32 4.84
C ALA A 148 6.86 13.89 4.29
N LEU A 149 5.67 13.40 3.95
CA LEU A 149 5.47 12.02 3.50
C LEU A 149 5.58 11.84 1.99
N MET A 150 5.61 10.60 1.54
CA MET A 150 5.69 10.28 0.11
C MET A 150 4.74 9.15 -0.31
N THR A 151 4.20 9.26 -1.53
CA THR A 151 3.35 8.21 -2.08
C THR A 151 3.08 8.45 -3.56
N LYS A 152 2.97 7.38 -4.33
CA LYS A 152 2.65 7.48 -5.76
C LYS A 152 1.16 7.34 -5.96
N THR A 153 0.49 6.88 -4.91
CA THR A 153 -0.92 6.53 -5.01
C THR A 153 -1.67 6.91 -3.75
N PRO A 154 -1.84 8.22 -3.51
CA PRO A 154 -2.58 8.65 -2.33
C PRO A 154 -4.07 8.55 -2.55
N ASN A 155 -4.86 8.60 -1.49
CA ASN A 155 -6.29 8.82 -1.63
C ASN A 155 -6.59 10.30 -1.45
N LEU A 156 -6.39 11.06 -2.51
CA LEU A 156 -6.51 12.52 -2.48
C LEU A 156 -7.74 13.02 -1.74
N LYS A 157 -8.71 12.13 -1.54
CA LYS A 157 -9.95 12.54 -0.91
C LYS A 157 -9.76 12.93 0.56
N PHE A 158 -9.09 12.07 1.32
CA PHE A 158 -8.93 12.30 2.76
C PHE A 158 -7.74 13.18 3.08
N LEU A 159 -7.13 13.76 2.05
CA LEU A 159 -5.95 14.58 2.27
C LEU A 159 -6.27 16.05 1.99
N SER A 160 -7.40 16.49 2.52
CA SER A 160 -7.84 17.87 2.40
C SER A 160 -7.14 18.77 3.42
N HIS A 161 -6.88 20.02 3.04
CA HIS A 161 -6.23 20.96 3.94
C HIS A 161 -6.81 20.84 5.35
N ASP A 162 -5.93 20.67 6.32
CA ASP A 162 -6.33 20.53 7.72
C ASP A 162 -7.14 19.29 8.03
N ALA A 163 -7.18 18.35 7.08
CA ALA A 163 -7.72 17.02 7.34
C ALA A 163 -6.74 16.33 8.24
N LEU A 164 -7.23 15.42 9.07
CA LEU A 164 -6.30 14.75 9.98
C LEU A 164 -6.36 13.22 9.96
N LEU A 165 -5.18 12.63 9.77
CA LEU A 165 -4.98 11.20 9.87
C LEU A 165 -4.88 10.81 11.35
N LYS A 166 -5.97 10.28 11.89
CA LYS A 166 -6.02 9.92 13.30
C LYS A 166 -5.37 8.56 13.49
N ASN A 167 -4.76 8.36 14.66
CA ASN A 167 -4.06 7.13 15.01
C ASN A 167 -3.13 6.64 13.93
N ALA A 168 -2.38 7.57 13.35
CA ALA A 168 -1.33 7.17 12.43
C ALA A 168 -0.23 6.50 13.27
N VAL A 169 0.71 5.85 12.60
CA VAL A 169 1.80 5.18 13.30
C VAL A 169 3.11 5.39 12.58
N LEU A 170 3.96 6.24 13.14
CA LEU A 170 5.31 6.39 12.64
C LEU A 170 6.07 5.10 12.89
N MET A 171 6.53 4.47 11.81
CA MET A 171 7.41 3.32 11.87
C MET A 171 8.83 3.80 11.62
N LEU A 172 9.57 4.03 12.70
CA LEU A 172 10.88 4.67 12.60
C LEU A 172 12.05 3.69 12.65
N ALA A 173 11.80 2.45 12.25
CA ALA A 173 12.84 1.42 12.19
C ALA A 173 13.49 1.15 13.55
N GLU A 174 14.80 1.38 13.63
CA GLU A 174 15.54 1.03 14.83
C GLU A 174 15.09 1.84 16.04
N TYR A 175 14.43 2.97 15.79
CA TYR A 175 13.90 3.81 16.86
C TYR A 175 12.53 3.33 17.32
N GLY A 176 11.94 2.42 16.55
CA GLY A 176 10.65 1.86 16.92
C GLY A 176 9.47 2.57 16.30
N GLU A 177 8.30 2.34 16.89
CA GLU A 177 7.08 2.88 16.36
C GLU A 177 6.41 3.82 17.35
N ILE A 178 6.00 4.98 16.87
CA ILE A 178 5.24 5.92 17.67
C ILE A 178 3.87 6.11 17.02
N THR A 179 2.85 6.27 17.85
CA THR A 179 1.50 6.49 17.34
C THR A 179 1.15 7.96 17.48
N ILE A 180 0.86 8.61 16.36
CA ILE A 180 0.63 10.05 16.36
C ILE A 180 -0.64 10.42 15.60
N ASP A 181 -1.01 11.69 15.67
CA ASP A 181 -2.02 12.22 14.77
C ASP A 181 -1.32 13.21 13.84
N LEU A 182 -1.70 13.22 12.58
CA LEU A 182 -1.11 14.13 11.63
C LEU A 182 -2.17 15.08 11.11
N VAL A 183 -1.77 16.32 10.86
CA VAL A 183 -2.64 17.31 10.24
C VAL A 183 -2.06 17.64 8.89
N VAL A 184 -2.85 17.46 7.84
CA VAL A 184 -2.35 17.67 6.49
C VAL A 184 -2.36 19.15 6.10
N LYS A 185 -1.18 19.71 5.83
CA LYS A 185 -1.04 21.12 5.53
C LYS A 185 -0.96 21.40 4.04
N ASN A 186 -0.56 20.38 3.29
CA ASN A 186 -0.58 20.48 1.82
C ASN A 186 -0.39 19.14 1.12
N VAL A 187 -0.86 19.07 -0.12
CA VAL A 187 -0.60 17.93 -0.99
C VAL A 187 -0.10 18.46 -2.32
N ILE A 188 1.02 17.94 -2.77
CA ILE A 188 1.70 18.50 -3.94
C ILE A 188 2.26 17.35 -4.74
N VAL A 189 2.46 17.56 -6.03
CA VAL A 189 3.15 16.55 -6.82
C VAL A 189 4.51 17.07 -7.21
N ILE A 190 5.50 16.19 -7.12
CA ILE A 190 6.88 16.59 -7.29
C ILE A 190 7.57 15.74 -8.35
N THR A 191 8.48 16.36 -9.10
CA THR A 191 9.10 15.70 -10.24
C THR A 191 10.62 15.83 -10.29
N LEU A 192 11.30 14.69 -10.38
CA LEU A 192 12.74 14.62 -10.54
C LEU A 192 13.03 13.99 -11.91
N ASP A 193 14.30 13.94 -12.30
CA ASP A 193 14.66 13.26 -13.55
C ASP A 193 16.01 12.54 -13.46
N GLU A 197 16.85 6.80 -18.32
CA GLU A 197 15.44 6.69 -17.95
C GLU A 197 15.25 6.69 -16.44
N GLU A 198 14.22 7.41 -15.98
CA GLU A 198 13.90 7.51 -14.56
C GLU A 198 13.00 8.72 -14.25
N SER A 199 12.69 9.50 -15.28
CA SER A 199 11.79 10.66 -15.14
C SER A 199 10.69 10.41 -14.11
N GLU A 200 10.87 10.96 -12.91
CA GLU A 200 10.09 10.56 -11.73
C GLU A 200 8.92 11.50 -11.37
N SER A 201 8.11 11.08 -10.39
CA SER A 201 6.97 11.86 -9.92
C SER A 201 6.22 11.14 -8.80
N TYR A 202 6.12 11.80 -7.65
CA TYR A 202 5.34 11.28 -6.53
C TYR A 202 4.59 12.42 -5.85
N TYR A 203 3.77 12.09 -4.87
CA TYR A 203 3.03 13.10 -4.12
C TYR A 203 3.71 13.38 -2.79
N GLN A 204 3.97 14.64 -2.51
CA GLN A 204 4.44 15.03 -1.19
C GLN A 204 3.29 15.53 -0.33
N ILE A 205 3.07 14.90 0.81
CA ILE A 205 2.08 15.36 1.77
C ILE A 205 2.79 16.07 2.91
N SER A 206 2.42 17.33 3.15
CA SER A 206 3.03 18.10 4.24
C SER A 206 2.24 17.96 5.53
N CYS A 207 2.90 17.47 6.56
CA CYS A 207 2.20 17.06 7.78
C CYS A 207 2.68 17.77 9.01
N GLN A 208 1.75 18.05 9.92
CA GLN A 208 2.07 18.62 11.21
C GLN A 208 1.65 17.68 12.34
N PHE A 209 2.56 17.38 13.25
CA PHE A 209 2.29 16.44 14.33
C PHE A 209 1.22 16.95 15.27
N LYS A 210 0.42 16.02 15.76
CA LYS A 210 -0.57 16.27 16.79
C LYS A 210 -0.38 15.18 17.81
N PHE A 211 0.35 15.48 18.87
CA PHE A 211 0.84 14.48 19.81
C PHE A 211 -0.23 13.92 20.74
N ARG A 212 -0.26 12.59 20.86
CA ARG A 212 -1.27 11.94 21.70
C ARG A 212 -0.95 12.12 23.17
N HIS A 213 0.29 11.78 23.54
CA HIS A 213 0.80 12.08 24.87
C HIS A 213 1.94 13.08 24.70
N LEU A 214 2.52 13.53 25.81
CA LEU A 214 3.60 14.52 25.73
C LEU A 214 4.96 13.87 25.59
N ASP A 215 5.14 12.71 26.22
CA ASP A 215 6.38 11.97 26.08
C ASP A 215 6.65 11.74 24.60
N ASP A 216 5.59 11.68 23.81
CA ASP A 216 5.70 11.54 22.37
C ASP A 216 6.52 12.66 21.77
N GLN A 217 6.27 13.90 22.18
CA GLN A 217 7.00 15.03 21.63
C GLN A 217 8.46 15.04 22.05
N ARG A 218 8.73 14.57 23.28
CA ARG A 218 10.10 14.45 23.76
C ARG A 218 10.87 13.31 23.08
N ARG A 219 10.24 12.14 23.00
CA ARG A 219 10.88 10.98 22.37
C ARG A 219 11.23 11.24 20.91
N ILE A 220 10.47 12.09 20.24
CA ILE A 220 10.79 12.46 18.87
C ILE A 220 11.94 13.44 18.81
N GLU A 221 12.01 14.36 19.78
CA GLU A 221 13.11 15.31 19.89
C GLU A 221 14.43 14.57 20.07
N LYS A 222 14.44 13.61 20.98
CA LYS A 222 15.62 12.81 21.26
C LYS A 222 16.03 11.98 20.06
N ILE A 223 15.05 11.38 19.39
CA ILE A 223 15.30 10.59 18.19
C ILE A 223 15.94 11.42 17.08
N LEU A 224 15.28 12.52 16.74
CA LEU A 224 15.76 13.37 15.68
C LEU A 224 17.17 13.87 15.98
N LEU A 225 17.46 14.00 17.28
CA LEU A 225 18.78 14.38 17.75
C LEU A 225 19.80 13.30 17.40
N ASP A 226 19.39 12.05 17.56
CA ASP A 226 20.26 10.91 17.30
C ASP A 226 20.50 10.74 15.82
N LEU A 227 19.56 11.20 15.00
CA LEU A 227 19.74 11.13 13.55
C LEU A 227 20.74 12.19 13.12
N ILE A 228 20.66 13.36 13.73
CA ILE A 228 21.59 14.45 13.44
C ILE A 228 23.02 14.15 13.88
N LEU A 229 23.15 13.30 14.90
CA LEU A 229 24.46 12.90 15.41
C LEU A 229 25.12 11.89 14.47
N GLU A 230 24.34 10.93 14.01
CA GLU A 230 24.82 9.94 13.05
C GLU A 230 25.05 10.57 11.69
N ALA A 231 24.44 11.72 11.47
CA ALA A 231 24.62 12.44 10.22
C ALA A 231 26.04 13.02 10.15
N LYS A 232 26.44 13.76 11.17
CA LYS A 232 27.76 14.37 11.20
C LYS A 232 28.87 13.33 11.34
N ARG A 233 28.58 12.27 12.09
CA ARG A 233 29.55 11.19 12.26
C ARG A 233 29.67 10.36 10.98
N LYS A 234 29.16 9.13 11.00
CA LYS A 234 29.17 8.24 9.84
C LYS A 234 30.06 8.75 8.70
N LYS A 235 29.59 9.78 8.00
CA LYS A 235 30.43 10.50 7.05
C LYS A 235 30.86 11.84 7.66
N GLU B 6 -7.17 -34.58 -6.05
CA GLU B 6 -7.88 -35.72 -6.60
C GLU B 6 -9.40 -35.58 -6.38
N GLY B 7 -10.09 -35.09 -7.39
CA GLY B 7 -11.53 -34.96 -7.34
C GLY B 7 -12.20 -36.29 -7.59
N THR B 8 -13.47 -36.41 -7.19
CA THR B 8 -14.21 -37.64 -7.40
C THR B 8 -15.61 -37.34 -7.87
N ILE B 9 -16.19 -38.26 -8.63
CA ILE B 9 -17.62 -38.21 -8.94
C ILE B 9 -18.30 -39.21 -8.04
N LYS B 10 -19.28 -38.76 -7.26
CA LYS B 10 -20.05 -39.66 -6.42
C LYS B 10 -21.48 -39.77 -6.93
N THR B 11 -21.75 -40.85 -7.66
CA THR B 11 -23.04 -41.07 -8.30
C THR B 11 -24.03 -41.71 -7.34
N SER B 12 -23.51 -42.59 -6.48
CA SER B 12 -24.34 -43.27 -5.48
C SER B 12 -25.26 -42.28 -4.80
N LYS B 13 -26.48 -42.72 -4.49
CA LYS B 13 -27.50 -41.82 -3.96
C LYS B 13 -27.69 -41.98 -2.46
N TYR B 14 -27.49 -43.19 -1.95
CA TYR B 14 -27.47 -43.41 -0.50
C TYR B 14 -26.26 -42.66 0.01
N GLU B 15 -25.38 -42.33 -0.92
CA GLU B 15 -24.17 -41.55 -0.68
C GLU B 15 -24.54 -40.09 -0.53
N ILE B 16 -25.11 -39.52 -1.59
CA ILE B 16 -25.40 -38.09 -1.66
C ILE B 16 -26.36 -37.63 -0.57
N ILE B 17 -27.17 -38.56 -0.07
CA ILE B 17 -28.09 -38.26 1.02
C ILE B 17 -27.40 -38.37 2.37
N ALA B 18 -26.45 -39.31 2.47
CA ALA B 18 -25.66 -39.46 3.68
C ALA B 18 -24.73 -38.27 3.83
N ILE B 19 -24.22 -37.79 2.71
CA ILE B 19 -23.40 -36.60 2.67
C ILE B 19 -24.26 -35.40 3.02
N PHE B 20 -25.31 -35.18 2.25
CA PHE B 20 -26.23 -34.07 2.49
C PHE B 20 -26.71 -34.02 3.93
N ARG B 21 -26.94 -35.17 4.52
CA ARG B 21 -27.39 -35.23 5.90
C ARG B 21 -26.22 -34.98 6.85
N GLU B 22 -25.02 -35.28 6.39
CA GLU B 22 -23.82 -35.08 7.19
C GLU B 22 -23.61 -33.61 7.54
N GLU B 23 -23.20 -32.82 6.56
CA GLU B 23 -22.85 -31.43 6.83
C GLU B 23 -24.07 -30.55 7.15
N LEU B 24 -25.27 -31.08 7.03
CA LEU B 24 -26.45 -30.34 7.46
C LEU B 24 -26.28 -29.92 8.93
N ARG B 25 -25.72 -30.83 9.72
CA ARG B 25 -25.45 -30.60 11.14
C ARG B 25 -24.11 -29.90 11.36
N LYS B 26 -23.11 -30.31 10.56
CA LYS B 26 -21.79 -29.67 10.58
C LYS B 26 -21.94 -28.15 10.42
N ARG B 27 -23.15 -27.73 10.07
CA ARG B 27 -23.48 -26.31 9.90
C ARG B 27 -22.63 -25.71 8.78
N THR B 28 -22.28 -26.55 7.82
CA THR B 28 -21.48 -26.14 6.68
C THR B 28 -22.22 -25.08 5.87
N GLU B 29 -21.49 -24.07 5.43
CA GLU B 29 -22.08 -22.98 4.66
C GLU B 29 -22.15 -23.37 3.18
N ILE B 30 -23.25 -23.01 2.53
CA ILE B 30 -23.41 -23.29 1.10
C ILE B 30 -23.29 -22.00 0.29
N GLU B 31 -23.16 -22.13 -1.03
CA GLU B 31 -23.18 -20.97 -1.90
C GLU B 31 -23.97 -21.30 -3.15
N ILE B 32 -25.01 -20.50 -3.39
CA ILE B 32 -25.89 -20.67 -4.53
C ILE B 32 -25.54 -19.63 -5.60
N PHE B 33 -25.80 -19.98 -6.86
CA PHE B 33 -25.27 -19.23 -7.99
C PHE B 33 -26.26 -19.11 -9.12
N PHE B 34 -26.25 -17.96 -9.77
CA PHE B 34 -27.08 -17.69 -10.93
C PHE B 34 -26.68 -16.34 -11.49
N ASN B 35 -27.17 -16.02 -12.68
CA ASN B 35 -26.80 -14.74 -13.31
C ASN B 35 -25.32 -14.43 -13.11
N ASN B 36 -25.05 -13.41 -12.29
CA ASN B 36 -23.70 -13.04 -11.94
C ASN B 36 -23.62 -12.77 -10.44
N THR B 37 -24.40 -13.53 -9.69
CA THR B 37 -24.59 -13.27 -8.27
C THR B 37 -24.05 -14.38 -7.38
N SER B 38 -23.83 -14.03 -6.12
CA SER B 38 -23.43 -15.00 -5.09
C SER B 38 -24.06 -14.67 -3.73
N ILE B 39 -24.54 -15.71 -3.07
CA ILE B 39 -25.04 -15.61 -1.69
C ILE B 39 -24.70 -16.87 -0.88
N ILE B 40 -24.68 -16.72 0.44
CA ILE B 40 -24.28 -17.82 1.31
C ILE B 40 -25.35 -18.10 2.34
N THR B 41 -25.68 -19.36 2.54
CA THR B 41 -26.66 -19.75 3.54
C THR B 41 -26.26 -21.09 4.17
N GLN B 42 -27.22 -21.77 4.76
CA GLN B 42 -26.96 -23.09 5.32
C GLN B 42 -28.16 -24.00 5.14
N LEU B 43 -27.88 -25.28 4.92
CA LEU B 43 -28.92 -26.28 4.84
C LEU B 43 -29.83 -26.18 6.06
N THR B 44 -31.14 -26.32 5.84
CA THR B 44 -32.10 -26.18 6.91
C THR B 44 -32.91 -27.48 7.11
N ARG B 45 -32.91 -28.33 6.08
CA ARG B 45 -33.55 -29.64 6.13
C ARG B 45 -32.98 -30.55 5.05
N VAL B 46 -33.16 -31.86 5.20
CA VAL B 46 -32.83 -32.83 4.16
C VAL B 46 -33.73 -34.07 4.31
N ASP B 47 -34.37 -34.48 3.22
CA ASP B 47 -35.17 -35.71 3.23
C ASP B 47 -34.73 -36.68 2.14
N PHE B 48 -35.67 -37.46 1.62
CA PHE B 48 -35.33 -38.47 0.63
C PHE B 48 -35.31 -37.91 -0.79
N ALA B 49 -36.28 -37.07 -1.11
CA ALA B 49 -36.42 -36.55 -2.48
C ALA B 49 -35.68 -35.24 -2.71
N GLU B 50 -35.70 -34.36 -1.70
CA GLU B 50 -35.18 -33.01 -1.88
C GLU B 50 -34.60 -32.42 -0.59
N PHE B 51 -34.09 -31.20 -0.70
CA PHE B 51 -33.55 -30.46 0.45
C PHE B 51 -34.04 -29.02 0.46
N HIS B 52 -34.02 -28.38 1.63
CA HIS B 52 -34.59 -27.05 1.77
C HIS B 52 -33.59 -26.00 2.26
N ILE B 53 -33.80 -24.75 1.86
CA ILE B 53 -32.97 -23.63 2.28
C ILE B 53 -33.82 -22.40 2.59
N GLN B 54 -33.16 -21.32 3.01
CA GLN B 54 -33.88 -20.12 3.40
C GLN B 54 -33.08 -18.91 2.94
N THR B 55 -33.68 -18.09 2.07
CA THR B 55 -32.99 -16.95 1.48
C THR B 55 -33.85 -15.70 1.55
N HIS B 56 -33.34 -14.57 1.05
CA HIS B 56 -34.10 -13.32 1.03
C HIS B 56 -34.27 -12.83 -0.41
N ARG B 57 -33.67 -13.55 -1.35
CA ARG B 57 -33.71 -13.16 -2.77
C ARG B 57 -34.49 -14.13 -3.66
N LYS B 58 -34.97 -13.62 -4.79
CA LYS B 58 -35.68 -14.44 -5.75
C LYS B 58 -34.71 -15.21 -6.64
N ILE B 59 -34.87 -16.53 -6.65
CA ILE B 59 -33.99 -17.41 -7.38
C ILE B 59 -34.68 -17.91 -8.65
N PRO B 60 -33.98 -17.85 -9.79
CA PRO B 60 -34.54 -18.30 -11.07
C PRO B 60 -34.88 -19.78 -11.05
N SER B 61 -36.16 -20.09 -10.86
CA SER B 61 -36.63 -21.47 -10.85
C SER B 61 -36.57 -22.05 -12.26
N GLY B 62 -36.77 -23.37 -12.35
CA GLY B 62 -36.75 -24.04 -13.64
C GLY B 62 -35.36 -24.50 -14.02
N HIS B 63 -34.49 -23.54 -14.32
CA HIS B 63 -33.11 -23.83 -14.68
C HIS B 63 -32.40 -24.60 -13.57
N LYS B 64 -31.31 -25.29 -13.92
CA LYS B 64 -30.48 -25.95 -12.93
C LYS B 64 -29.46 -24.97 -12.37
N ILE B 65 -29.42 -24.86 -11.04
CA ILE B 65 -28.55 -23.90 -10.37
C ILE B 65 -27.22 -24.54 -9.97
N ARG B 66 -26.14 -23.77 -9.97
CA ARG B 66 -24.84 -24.27 -9.54
C ARG B 66 -24.75 -24.13 -8.03
N PHE B 67 -24.15 -25.13 -7.37
CA PHE B 67 -24.07 -25.14 -5.91
C PHE B 67 -22.66 -25.37 -5.45
N LEU B 68 -22.32 -24.80 -4.30
CA LEU B 68 -21.00 -24.96 -3.69
C LEU B 68 -21.08 -25.34 -2.21
N LEU B 69 -20.27 -26.31 -1.81
CA LEU B 69 -20.15 -26.65 -0.40
C LEU B 69 -18.80 -26.22 0.19
N HIS B 70 -18.79 -25.17 1.00
CA HIS B 70 -17.57 -24.72 1.66
C HIS B 70 -17.25 -25.60 2.86
N SER B 71 -17.00 -26.88 2.59
CA SER B 71 -16.85 -27.86 3.66
C SER B 71 -15.41 -28.06 4.11
N ASP B 72 -15.24 -28.89 5.13
CA ASP B 72 -13.93 -29.21 5.67
C ASP B 72 -13.23 -30.26 4.82
N SER B 73 -14.02 -31.08 4.14
CA SER B 73 -13.47 -32.09 3.23
C SER B 73 -13.26 -31.50 1.85
N GLY B 74 -13.43 -30.19 1.74
CA GLY B 74 -13.21 -29.51 0.47
C GLY B 74 -14.45 -28.76 0.01
N LYS B 75 -14.57 -28.60 -1.30
CA LYS B 75 -15.79 -28.05 -1.86
C LYS B 75 -16.54 -29.15 -2.60
N ILE B 76 -17.87 -29.12 -2.50
CA ILE B 76 -18.71 -30.02 -3.25
C ILE B 76 -19.59 -29.21 -4.19
N GLU B 77 -19.42 -29.43 -5.50
CA GLU B 77 -20.26 -28.77 -6.49
C GLU B 77 -21.34 -29.71 -7.05
N PHE B 78 -22.46 -29.13 -7.46
CA PHE B 78 -23.56 -29.89 -8.03
C PHE B 78 -24.62 -28.96 -8.60
N ASN B 79 -25.47 -29.50 -9.47
CA ASN B 79 -26.60 -28.74 -9.99
C ASN B 79 -27.92 -29.35 -9.53
N ALA B 80 -28.92 -28.50 -9.27
CA ALA B 80 -30.23 -28.95 -8.84
C ALA B 80 -31.30 -28.01 -9.38
N ALA B 81 -32.54 -28.49 -9.47
CA ALA B 81 -33.63 -27.66 -9.98
C ALA B 81 -34.52 -27.22 -8.83
N LEU B 82 -35.09 -26.02 -8.95
CA LEU B 82 -35.96 -25.49 -7.92
C LEU B 82 -37.35 -26.14 -7.96
N THR B 83 -37.63 -26.98 -6.97
CA THR B 83 -38.86 -27.77 -6.91
C THR B 83 -40.04 -26.99 -6.33
N LYS B 84 -39.78 -26.16 -5.33
CA LYS B 84 -40.84 -25.37 -4.71
C LYS B 84 -40.33 -24.26 -3.79
N HIS B 85 -41.17 -23.26 -3.54
CA HIS B 85 -40.82 -22.17 -2.61
C HIS B 85 -42.08 -21.41 -2.18
N ASP B 86 -42.26 -21.26 -0.87
CA ASP B 86 -43.44 -20.61 -0.33
C ASP B 86 -43.34 -19.09 -0.44
N ASN B 87 -44.07 -18.39 0.42
CA ASN B 87 -44.15 -16.93 0.36
C ASN B 87 -44.22 -16.27 1.74
N ILE B 94 -38.27 -16.38 2.72
CA ILE B 94 -38.68 -17.04 1.48
C ILE B 94 -37.97 -18.39 1.30
N ARG B 95 -38.59 -19.41 1.90
CA ARG B 95 -38.08 -20.77 1.99
C ARG B 95 -38.16 -21.52 0.66
N TYR B 96 -37.09 -22.20 0.27
CA TYR B 96 -37.09 -22.97 -0.98
C TYR B 96 -37.01 -24.48 -0.74
N ALA B 97 -36.83 -25.24 -1.82
CA ALA B 97 -36.71 -26.70 -1.74
C ALA B 97 -36.18 -27.26 -3.05
N PHE B 98 -35.07 -27.98 -3.00
CA PHE B 98 -34.43 -28.47 -4.21
C PHE B 98 -34.36 -29.99 -4.26
N SER B 99 -34.57 -30.56 -5.45
CA SER B 99 -34.34 -31.99 -5.69
C SER B 99 -32.83 -32.27 -5.71
N LEU B 100 -32.38 -33.12 -4.80
CA LEU B 100 -30.99 -33.47 -4.63
C LEU B 100 -30.37 -33.86 -5.97
N PRO B 101 -29.05 -33.63 -6.15
CA PRO B 101 -28.40 -34.13 -7.37
C PRO B 101 -28.25 -35.65 -7.37
N GLU B 102 -28.08 -36.23 -8.55
CA GLU B 102 -27.75 -37.64 -8.66
C GLU B 102 -26.26 -37.79 -8.93
N CYS B 103 -25.66 -36.71 -9.42
CA CYS B 103 -24.21 -36.63 -9.57
C CYS B 103 -23.64 -35.71 -8.50
N LEU B 104 -22.33 -35.79 -8.26
CA LEU B 104 -21.68 -34.97 -7.25
C LEU B 104 -20.17 -35.10 -7.38
N GLN B 105 -19.47 -33.96 -7.37
CA GLN B 105 -18.01 -33.97 -7.42
C GLN B 105 -17.42 -33.32 -6.17
N VAL B 106 -16.54 -34.04 -5.49
CA VAL B 106 -15.90 -33.55 -4.26
C VAL B 106 -14.38 -33.42 -4.41
N VAL B 107 -13.85 -32.25 -4.04
CA VAL B 107 -12.42 -31.95 -4.23
C VAL B 107 -11.71 -31.47 -2.97
N GLN B 108 -10.46 -31.92 -2.80
CA GLN B 108 -9.65 -31.53 -1.66
C GLN B 108 -8.18 -31.70 -2.00
N ARG B 109 -7.42 -30.61 -1.98
CA ARG B 109 -6.04 -30.64 -2.42
C ARG B 109 -5.12 -30.02 -1.38
N ARG B 110 -5.70 -29.37 -0.38
CA ARG B 110 -4.95 -28.62 0.61
C ARG B 110 -4.29 -29.54 1.63
N ARG B 111 -2.97 -29.69 1.51
CA ARG B 111 -2.20 -30.49 2.46
C ARG B 111 -2.35 -29.91 3.86
N ASP B 112 -1.86 -28.68 4.04
CA ASP B 112 -1.85 -28.04 5.35
C ASP B 112 -3.15 -27.31 5.63
N PRO B 113 -3.65 -27.39 6.87
CA PRO B 113 -4.84 -26.68 7.33
C PRO B 113 -4.59 -25.17 7.47
N ARG B 114 -5.50 -24.37 6.92
CA ARG B 114 -5.40 -22.92 6.95
C ARG B 114 -6.17 -22.36 8.15
N PHE B 115 -5.71 -21.24 8.70
CA PHE B 115 -6.27 -20.70 9.93
C PHE B 115 -7.02 -19.39 9.69
N ARG B 116 -8.27 -19.32 10.12
CA ARG B 116 -9.05 -18.09 9.96
C ARG B 116 -8.68 -17.05 11.00
N LEU B 117 -8.14 -15.93 10.54
CA LEU B 117 -7.64 -14.86 11.42
C LEU B 117 -8.72 -13.90 11.91
N ARG B 118 -8.85 -13.81 13.24
CA ARG B 118 -9.90 -12.99 13.84
C ARG B 118 -9.46 -11.56 14.17
N ALA B 119 -10.41 -10.80 14.72
CA ALA B 119 -10.24 -9.41 15.09
C ALA B 119 -9.00 -9.10 15.94
N GLU B 120 -8.79 -9.87 17.01
CA GLU B 120 -7.66 -9.66 17.89
C GLU B 120 -6.33 -9.93 17.19
N HIS B 121 -6.37 -10.07 15.86
CA HIS B 121 -5.16 -10.27 15.08
C HIS B 121 -4.94 -9.11 14.14
N ASP B 122 -4.14 -8.13 14.56
CA ASP B 122 -3.76 -7.05 13.68
C ASP B 122 -2.51 -7.42 12.89
N PHE B 123 -2.67 -8.38 11.97
CA PHE B 123 -1.58 -8.85 11.13
C PHE B 123 -1.61 -8.19 9.76
N TYR B 124 -0.43 -7.83 9.26
CA TYR B 124 -0.31 -7.19 7.96
C TYR B 124 0.72 -7.90 7.10
N CYS B 125 0.88 -7.43 5.87
CA CYS B 125 1.98 -7.84 5.03
C CYS B 125 2.35 -6.67 4.15
N ARG B 126 3.58 -6.21 4.25
CA ARG B 126 4.00 -5.05 3.49
C ARG B 126 5.26 -5.33 2.69
N GLY B 127 5.42 -4.58 1.60
CA GLY B 127 6.59 -4.68 0.75
C GLY B 127 6.47 -3.62 -0.32
N ARG B 128 7.47 -3.52 -1.19
CA ARG B 128 7.47 -2.50 -2.23
C ARG B 128 7.51 -3.14 -3.62
N HIS B 129 6.53 -2.82 -4.46
CA HIS B 129 6.52 -3.35 -5.81
C HIS B 129 7.75 -2.87 -6.58
N LYS B 130 8.00 -3.46 -7.74
CA LYS B 130 9.23 -3.21 -8.47
C LYS B 130 9.25 -1.82 -9.09
N ASN B 131 8.14 -1.09 -8.95
CA ASN B 131 8.04 0.26 -9.49
C ASN B 131 8.16 1.30 -8.38
N GLY B 132 8.44 0.83 -7.17
CA GLY B 132 8.62 1.72 -6.04
C GLY B 132 7.43 1.80 -5.09
N GLU B 133 6.24 1.54 -5.60
CA GLU B 133 5.04 1.64 -4.77
C GLU B 133 5.13 0.79 -3.51
N ASN B 134 4.65 1.34 -2.40
CA ASN B 134 4.49 0.54 -1.19
C ASN B 134 3.18 -0.20 -1.29
N TYR B 135 3.10 -1.35 -0.63
CA TYR B 135 1.82 -2.03 -0.46
C TYR B 135 1.73 -2.51 0.97
N LEU B 136 0.52 -2.49 1.50
CA LEU B 136 0.27 -2.93 2.86
C LEU B 136 -1.08 -3.62 2.91
N PHE B 137 -1.08 -4.91 3.24
CA PHE B 137 -2.27 -5.74 3.15
C PHE B 137 -2.69 -6.26 4.51
N ASP B 138 -4.00 -6.33 4.74
CA ASP B 138 -4.51 -7.09 5.87
C ASP B 138 -4.29 -8.57 5.57
N ILE B 139 -3.92 -9.37 6.58
CA ILE B 139 -3.82 -10.80 6.36
C ILE B 139 -5.13 -11.46 6.75
N LYS B 140 -5.73 -12.22 5.83
CA LYS B 140 -7.04 -12.81 6.06
C LYS B 140 -6.99 -14.22 6.64
N ASP B 141 -6.15 -15.07 6.07
CA ASP B 141 -5.85 -16.36 6.68
C ASP B 141 -4.38 -16.71 6.42
N ILE B 142 -3.81 -17.55 7.27
CA ILE B 142 -2.43 -17.93 7.14
C ILE B 142 -2.26 -19.45 7.50
N SER B 143 -1.24 -20.13 6.95
CA SER B 143 -1.06 -21.54 7.24
C SER B 143 0.37 -21.85 7.59
N ASP B 144 0.85 -22.82 6.84
CA ASP B 144 2.23 -23.25 7.01
C ASP B 144 3.06 -22.98 5.79
N GLY B 145 2.44 -22.78 4.62
CA GLY B 145 3.19 -22.54 3.41
C GLY B 145 2.53 -21.50 2.54
N GLY B 146 1.63 -20.73 3.13
CA GLY B 146 0.92 -19.69 2.41
C GLY B 146 0.02 -18.86 3.29
N CYS B 147 -0.71 -17.95 2.65
CA CYS B 147 -1.62 -17.08 3.36
C CYS B 147 -2.58 -16.41 2.37
N ALA B 148 -3.59 -15.73 2.89
CA ALA B 148 -4.51 -14.97 2.06
C ALA B 148 -4.46 -13.51 2.47
N LEU B 149 -4.48 -12.62 1.48
CA LEU B 149 -4.36 -11.19 1.74
C LEU B 149 -5.56 -10.41 1.22
N MET B 150 -5.94 -9.36 1.94
CA MET B 150 -7.06 -8.49 1.55
C MET B 150 -6.60 -7.08 1.23
N THR B 151 -7.28 -6.44 0.29
CA THR B 151 -6.97 -5.06 -0.07
C THR B 151 -7.97 -4.49 -1.05
N LYS B 152 -8.29 -3.22 -0.88
CA LYS B 152 -8.94 -2.45 -1.95
C LYS B 152 -7.77 -1.84 -2.68
N THR B 153 -8.01 -1.26 -3.85
CA THR B 153 -6.90 -0.61 -4.55
C THR B 153 -5.62 -1.46 -4.56
N PRO B 154 -5.68 -2.65 -5.15
CA PRO B 154 -4.45 -3.43 -5.36
C PRO B 154 -3.80 -2.98 -6.65
N ASN B 155 -2.53 -3.28 -6.85
CA ASN B 155 -1.85 -2.94 -8.10
C ASN B 155 -1.65 -4.15 -9.00
N LEU B 156 -2.59 -4.35 -9.92
CA LEU B 156 -2.69 -5.60 -10.65
C LEU B 156 -1.53 -5.89 -11.59
N LYS B 157 -0.75 -4.87 -11.94
CA LYS B 157 0.41 -5.11 -12.77
C LYS B 157 1.32 -6.14 -12.13
N PHE B 158 1.59 -5.93 -10.84
CA PHE B 158 2.58 -6.70 -10.10
C PHE B 158 1.98 -7.86 -9.32
N LEU B 159 0.75 -8.20 -9.67
CA LEU B 159 0.04 -9.31 -9.05
C LEU B 159 -0.45 -10.29 -10.12
N SER B 160 0.46 -10.73 -10.99
CA SER B 160 0.14 -11.71 -12.01
C SER B 160 0.00 -13.10 -11.39
N HIS B 161 -0.24 -14.10 -12.23
CA HIS B 161 -0.17 -15.47 -11.76
C HIS B 161 1.30 -15.83 -11.56
N ASP B 162 1.59 -16.47 -10.44
CA ASP B 162 2.97 -16.86 -10.11
C ASP B 162 3.90 -15.66 -10.12
N ALA B 163 3.38 -14.51 -9.70
CA ALA B 163 4.19 -13.33 -9.54
C ALA B 163 4.92 -13.41 -8.21
N LEU B 164 6.14 -12.88 -8.16
CA LEU B 164 6.88 -12.93 -6.92
C LEU B 164 6.83 -11.59 -6.20
N LEU B 165 6.18 -11.57 -5.04
CA LEU B 165 6.26 -10.44 -4.15
C LEU B 165 7.47 -10.68 -3.27
N LYS B 166 8.58 -10.02 -3.59
CA LYS B 166 9.84 -10.29 -2.90
C LYS B 166 9.98 -9.51 -1.59
N ASN B 167 10.71 -10.10 -0.65
CA ASN B 167 11.00 -9.45 0.62
C ASN B 167 9.78 -8.85 1.31
N ALA B 168 8.63 -9.49 1.14
CA ALA B 168 7.47 -9.05 1.89
C ALA B 168 7.82 -9.21 3.36
N VAL B 169 7.27 -8.34 4.20
CA VAL B 169 7.46 -8.49 5.62
C VAL B 169 6.11 -8.77 6.29
N LEU B 170 5.99 -9.97 6.85
CA LEU B 170 4.84 -10.31 7.65
C LEU B 170 4.96 -9.59 8.97
N MET B 171 3.91 -8.88 9.32
CA MET B 171 3.90 -8.07 10.55
C MET B 171 2.88 -8.70 11.49
N LEU B 172 3.38 -9.58 12.34
CA LEU B 172 2.51 -10.39 13.18
C LEU B 172 2.41 -9.77 14.58
N ALA B 173 2.57 -8.45 14.63
CA ALA B 173 2.38 -7.70 15.87
C ALA B 173 3.26 -8.21 17.00
N GLU B 174 2.67 -9.05 17.86
CA GLU B 174 3.35 -9.66 18.99
C GLU B 174 4.30 -10.79 18.55
N TYR B 175 3.75 -11.80 17.88
CA TYR B 175 4.54 -12.90 17.34
C TYR B 175 5.73 -12.39 16.51
N GLY B 176 5.91 -11.07 16.53
CA GLY B 176 7.04 -10.45 15.87
C GLY B 176 6.75 -10.14 14.42
N GLU B 177 7.82 -10.02 13.66
CA GLU B 177 7.68 -9.81 12.24
C GLU B 177 8.69 -10.68 11.53
N ILE B 178 8.42 -11.04 10.28
CA ILE B 178 9.30 -11.92 9.54
C ILE B 178 9.33 -11.58 8.06
N THR B 179 10.50 -11.70 7.46
CA THR B 179 10.70 -11.31 6.07
C THR B 179 10.68 -12.51 5.13
N ILE B 180 9.65 -12.59 4.30
CA ILE B 180 9.47 -13.75 3.46
C ILE B 180 9.35 -13.41 1.97
N ASP B 181 9.22 -14.44 1.15
CA ASP B 181 8.92 -14.29 -0.27
C ASP B 181 7.51 -14.78 -0.52
N LEU B 182 6.78 -14.08 -1.37
CA LEU B 182 5.41 -14.48 -1.67
C LEU B 182 5.25 -14.81 -3.15
N VAL B 183 4.66 -15.95 -3.43
CA VAL B 183 4.30 -16.27 -4.81
C VAL B 183 2.77 -16.16 -5.03
N VAL B 184 2.39 -15.16 -5.80
CA VAL B 184 0.98 -14.92 -6.09
C VAL B 184 0.49 -16.04 -6.97
N LYS B 185 -0.58 -16.72 -6.55
CA LYS B 185 -1.08 -17.82 -7.36
C LYS B 185 -2.47 -17.49 -7.89
N ASN B 186 -3.19 -16.67 -7.16
CA ASN B 186 -4.56 -16.37 -7.51
C ASN B 186 -5.02 -15.10 -6.81
N VAL B 187 -5.57 -14.18 -7.58
CA VAL B 187 -6.24 -13.02 -7.00
C VAL B 187 -7.66 -12.96 -7.51
N ILE B 188 -8.58 -12.63 -6.63
CA ILE B 188 -10.00 -12.57 -6.98
C ILE B 188 -10.66 -11.38 -6.33
N VAL B 189 -11.90 -11.12 -6.74
CA VAL B 189 -12.74 -10.12 -6.08
C VAL B 189 -13.71 -10.88 -5.17
N ILE B 190 -14.07 -10.28 -4.05
CA ILE B 190 -15.01 -10.90 -3.14
C ILE B 190 -16.10 -9.92 -2.72
N THR B 191 -17.29 -10.11 -3.28
CA THR B 191 -18.44 -9.27 -2.98
C THR B 191 -19.18 -9.81 -1.76
N LEU B 192 -19.73 -8.92 -0.95
CA LEU B 192 -20.29 -9.31 0.33
C LEU B 192 -21.78 -9.00 0.46
N ASP B 193 -22.61 -10.03 0.40
CA ASP B 193 -24.05 -9.88 0.55
C ASP B 193 -24.63 -11.03 1.39
N SER B 199 -23.69 -4.73 0.11
CA SER B 199 -22.96 -4.71 -1.15
C SER B 199 -21.62 -3.99 -1.00
N GLU B 200 -20.63 -4.73 -0.53
CA GLU B 200 -19.27 -4.21 -0.40
C GLU B 200 -18.34 -4.96 -1.34
N SER B 201 -17.04 -4.77 -1.17
CA SER B 201 -16.07 -5.48 -1.99
C SER B 201 -14.62 -5.22 -1.61
N TYR B 202 -13.76 -6.19 -1.91
CA TYR B 202 -12.32 -6.03 -1.77
C TYR B 202 -11.64 -7.10 -2.61
N TYR B 203 -10.32 -7.05 -2.67
CA TYR B 203 -9.56 -8.06 -3.38
C TYR B 203 -8.92 -9.07 -2.44
N GLN B 204 -9.30 -10.32 -2.60
CA GLN B 204 -8.63 -11.43 -1.95
C GLN B 204 -7.49 -11.81 -2.85
N ILE B 205 -6.31 -11.97 -2.27
CA ILE B 205 -5.16 -12.46 -3.01
C ILE B 205 -4.56 -13.67 -2.29
N SER B 206 -4.52 -14.82 -2.97
CA SER B 206 -3.97 -16.03 -2.37
C SER B 206 -2.56 -16.33 -2.88
N CYS B 207 -1.66 -16.64 -1.95
CA CYS B 207 -0.25 -16.85 -2.31
C CYS B 207 0.47 -17.89 -1.47
N GLN B 208 1.67 -18.24 -1.93
CA GLN B 208 2.46 -19.30 -1.32
C GLN B 208 3.75 -18.74 -0.73
N PHE B 209 4.04 -19.14 0.51
CA PHE B 209 5.31 -18.78 1.13
C PHE B 209 6.48 -19.44 0.43
N LYS B 210 7.45 -18.65 0.01
CA LYS B 210 8.71 -19.19 -0.48
C LYS B 210 9.80 -18.90 0.56
N PHE B 211 10.01 -19.86 1.46
CA PHE B 211 10.99 -19.69 2.52
C PHE B 211 12.43 -19.79 2.01
N ARG B 212 13.29 -18.89 2.46
CA ARG B 212 14.70 -18.93 2.08
C ARG B 212 15.58 -19.11 3.32
N HIS B 213 14.95 -19.36 4.46
CA HIS B 213 15.65 -19.73 5.68
C HIS B 213 14.83 -20.76 6.46
N LEU B 214 15.44 -21.88 6.83
CA LEU B 214 14.72 -22.93 7.56
C LEU B 214 14.18 -22.38 8.86
N ASP B 215 14.74 -21.25 9.28
CA ASP B 215 14.42 -20.68 10.57
C ASP B 215 13.10 -19.95 10.50
N ASP B 216 12.85 -19.32 9.35
CA ASP B 216 11.58 -18.67 9.10
C ASP B 216 10.50 -19.74 8.99
N GLN B 217 10.80 -20.82 8.27
CA GLN B 217 9.82 -21.87 8.02
C GLN B 217 9.40 -22.47 9.36
N ARG B 218 10.39 -22.81 10.19
CA ARG B 218 10.14 -23.27 11.55
C ARG B 218 9.34 -22.27 12.39
N ARG B 219 9.73 -21.00 12.33
CA ARG B 219 9.00 -19.95 13.03
C ARG B 219 7.48 -20.02 12.73
N ILE B 220 7.07 -19.58 11.54
CA ILE B 220 5.68 -19.77 11.08
C ILE B 220 5.08 -21.06 11.62
N GLU B 221 5.73 -22.18 11.28
CA GLU B 221 5.39 -23.51 11.76
C GLU B 221 5.14 -23.51 13.26
N LYS B 222 6.00 -22.82 14.00
CA LYS B 222 5.88 -22.69 15.46
C LYS B 222 4.78 -21.69 15.89
N ILE B 223 4.66 -20.57 15.17
CA ILE B 223 3.64 -19.58 15.49
C ILE B 223 2.25 -20.19 15.45
N LEU B 224 1.85 -20.66 14.27
CA LEU B 224 0.49 -21.11 14.08
C LEU B 224 0.07 -22.16 15.10
N LEU B 225 0.98 -23.06 15.47
CA LEU B 225 0.62 -24.15 16.37
C LEU B 225 -0.03 -23.65 17.67
N ASP B 226 0.34 -22.44 18.10
CA ASP B 226 -0.28 -21.84 19.28
C ASP B 226 -1.53 -21.03 18.92
N LEU B 227 -1.52 -20.38 17.77
CA LEU B 227 -2.71 -19.68 17.30
C LEU B 227 -3.91 -20.59 17.51
N ILE B 228 -3.79 -21.80 17.02
CA ILE B 228 -4.81 -22.82 17.17
C ILE B 228 -5.21 -23.01 18.64
N LEU B 229 -4.21 -23.02 19.53
CA LEU B 229 -4.45 -23.13 20.96
C LEU B 229 -5.36 -22.02 21.47
N GLU B 230 -4.99 -20.78 21.17
CA GLU B 230 -5.79 -19.63 21.59
C GLU B 230 -7.25 -19.83 21.18
N ALA B 231 -7.45 -20.15 19.91
CA ALA B 231 -8.79 -20.44 19.38
C ALA B 231 -9.47 -21.52 20.20
N LYS B 232 -8.69 -22.50 20.64
CA LYS B 232 -9.18 -23.60 21.46
C LYS B 232 -9.59 -23.11 22.85
N ARG B 233 -8.79 -22.19 23.41
CA ARG B 233 -9.14 -21.56 24.68
C ARG B 233 -10.56 -21.02 24.65
N LYS B 234 -10.83 -20.14 23.69
CA LYS B 234 -12.12 -19.49 23.55
C LYS B 234 -13.26 -20.50 23.58
N LYS B 235 -13.25 -21.40 22.60
CA LYS B 235 -14.31 -22.39 22.46
C LYS B 235 -14.30 -23.41 23.61
P1 C2E C . 6.85 25.33 -1.92
O2P C2E C . 5.92 26.13 -1.04
O1P C2E C . 6.78 25.80 -3.35
O5' C2E C . 8.47 25.49 -1.53
C5' C2E C . 9.36 24.82 -2.45
C4' C2E C . 10.76 24.63 -1.67
O4' C2E C . 11.26 26.05 -1.24
C3' C2E C . 10.62 24.01 -0.61
O3' C2E C . 10.83 22.54 -0.95
C2' C2E C . 11.90 24.56 0.29
O2' C2E C . 13.09 23.94 -0.24
C1' C2E C . 11.95 25.83 0.08
N9 C2E C . 11.10 26.57 1.08
C8 C2E C . 9.89 27.16 1.03
N7 C2E C . 9.64 27.67 2.24
C5 C2E C . 10.67 27.39 3.03
C6 C2E C . 11.00 27.71 4.48
O6 C2E C . 10.23 28.27 5.15
N1 C2E C . 12.24 27.26 5.03
C2 C2E C . 13.17 26.54 4.21
N2 C2E C . 14.43 26.07 4.71
N3 C2E C . 12.86 26.25 2.84
C4 C2E C . 11.57 26.71 2.29
P11 C2E C . 10.27 21.38 0.19
O21 C2E C . 10.92 21.48 1.55
O11 C2E C . 10.70 20.06 -0.43
O5A C2E C . 8.62 21.54 0.25
C5A C2E C . 7.96 21.13 -0.92
C4A C2E C . 6.63 21.47 -0.81
O4A C2E C . 6.05 20.97 0.48
C3A C2E C . 6.46 23.07 -0.66
O3A C2E C . 6.46 23.69 -2.06
C2A C2E C . 5.37 23.23 -0.04
O2A C2E C . 4.16 23.21 -0.90
C1A C2E C . 5.28 21.91 0.97
N91 C2E C . 5.61 22.26 2.33
C81 C2E C . 6.75 21.82 2.91
N71 C2E C . 6.75 22.29 4.19
C51 C2E C . 5.63 23.00 4.39
C61 C2E C . 5.01 23.79 5.58
O61 C2E C . 5.55 23.85 6.64
N11 C2E C . 3.74 24.45 5.43
C21 C2E C . 3.05 24.38 4.16
N21 C2E C . 1.75 25.03 3.92
N31 C2E C . 3.65 23.65 3.08
C41 C2E C . 4.94 22.96 3.22
P1 C2E D . 7.16 25.88 10.43
O2P C2E D . 8.21 24.97 9.83
O1P C2E D . 7.77 26.77 11.48
O5' C2E D . 6.46 26.93 9.30
C5' C2E D . 5.61 27.99 9.81
C4' C2E D . 4.65 28.39 8.58
O4' C2E D . 5.58 28.85 7.40
C3' C2E D . 4.12 27.39 8.14
O3' C2E D . 2.79 27.16 8.88
C2' C2E D . 3.80 27.80 6.57
O2' C2E D . 2.74 28.79 6.60
C1' C2E D . 4.86 28.35 6.17
N9 C2E D . 5.84 27.38 5.52
C8 C2E D . 6.90 26.71 6.02
N7 C2E D . 7.44 25.99 5.04
C5 C2E D . 6.75 26.23 3.92
C6 C2E D . 6.90 25.73 2.48
O6 C2E D . 7.76 24.97 2.18
N1 C2E D . 5.99 26.18 1.47
C2 C2E D . 4.96 27.10 1.83
N2 C2E D . 4.04 27.53 0.83
N3 C2E D . 4.81 27.56 3.21
C4 C2E D . 5.76 27.10 4.23
P11 C2E D . 2.02 25.66 8.48
O21 C2E D . 1.72 25.36 7.04
O11 C2E D . 0.74 25.79 9.28
O5A C2E D . 2.97 24.48 9.19
C5A C2E D . 2.99 24.51 10.60
C4A C2E D . 3.93 23.64 11.08
O4A C2E D . 3.74 22.23 10.55
C3A C2E D . 5.38 23.99 10.46
O3A C2E D . 5.97 25.11 11.31
C2A C2E D . 6.04 22.93 10.60
O2A C2E D . 6.56 22.76 11.97
C1A C2E D . 4.93 21.72 10.40
N91 C2E D . 5.04 21.10 9.12
C81 C2E D . 4.07 21.37 8.22
N71 C2E D . 4.37 20.67 7.11
C51 C2E D . 5.50 19.99 7.32
C61 C2E D . 6.30 19.02 6.44
O61 C2E D . 5.97 18.76 5.32
N11 C2E D . 7.50 18.43 6.97
C21 C2E D . 7.92 18.74 8.32
N21 C2E D . 9.13 18.13 8.85
N31 C2E D . 7.15 19.65 9.15
C41 C2E D . 5.91 20.26 8.59
P1 C2E E . -1.11 -23.55 -5.26
O2P C2E E . -2.21 -22.68 -5.82
O1P C2E E . 0.16 -23.40 -6.03
O5' C2E E . -0.68 -23.19 -3.69
C5' C2E E . 0.45 -23.96 -3.20
C4' C2E E . 0.38 -23.87 -1.59
O4' C2E E . 0.45 -22.36 -1.19
C3' C2E E . -0.69 -24.28 -1.15
O3' C2E E . -0.50 -25.77 -0.87
C2' C2E E . -0.81 -23.45 0.28
O2' C2E E . 0.13 -24.07 1.20
C1' C2E E . -0.42 -22.26 0.03
N9 C2E E . -1.60 -21.39 -0.39
C8 C2E E . -2.02 -20.93 -1.58
N7 C2E E . -3.12 -20.21 -1.35
C5 C2E E . -3.37 -20.24 -0.04
C6 C2E E . -4.45 -19.62 0.84
O6 C2E E . -5.31 -18.98 0.38
N1 C2E E . -4.40 -19.85 2.26
C2 C2E E . -3.35 -20.64 2.83
N2 C2E E . -3.27 -20.88 4.24
N3 C2E E . -2.34 -21.21 1.99
C4 C2E E . -2.40 -20.98 0.54
P11 C2E E . -1.93 -26.71 -0.66
O21 C2E E . -2.79 -26.28 0.50
O11 C2E E . -1.36 -28.09 -0.35
O5A C2E E . -2.72 -26.68 -2.12
C5A C2E E . -2.06 -27.36 -3.15
C4A C2E E . -2.74 -27.12 -4.33
O4A C2E E . -4.21 -27.40 -4.18
C3A C2E E . -2.72 -25.54 -4.68
O3A C2E E . -1.41 -25.21 -5.40
C2A C2E E . -3.75 -25.34 -5.38
O2A C2E E . -3.56 -25.64 -6.83
C1A C2E E . -4.86 -26.45 -4.80
N91 C2E E . -5.84 -25.80 -3.98
C81 C2E E . -5.88 -26.03 -2.63
N71 C2E E . -6.94 -25.29 -2.13
C51 C2E E . -7.54 -24.66 -3.16
C61 C2E E . -8.75 -23.71 -3.30
O61 C2E E . -9.41 -23.39 -2.37
N11 C2E E . -9.12 -23.19 -4.60
C21 C2E E . -8.34 -23.56 -5.76
N21 C2E E . -8.64 -23.09 -7.11
N31 C2E E . -7.21 -24.46 -5.59
C41 C2E E . -6.83 -24.99 -4.28
P1 C2E F . -11.68 -20.52 0.41
O2P C2E F . -10.80 -21.43 1.21
O1P C2E F . -12.20 -19.38 1.26
O5' C2E F . -10.88 -19.77 -0.90
C5' C2E F . -11.57 -18.70 -1.59
C4' C2E F . -10.88 -18.63 -3.04
O4' C2E F . -9.36 -18.36 -2.84
C3' C2E F . -10.89 -19.75 -3.55
O3' C2E F . -12.18 -19.93 -4.36
C2' C2E F . -9.61 -19.69 -4.59
O2' C2E F . -9.99 -18.80 -5.67
C1' C2E F . -8.69 -19.14 -3.92
N9 C2E F . -7.80 -20.14 -3.18
C8 C2E F . -7.85 -20.62 -1.92
N7 C2E F . -6.83 -21.47 -1.77
C5 C2E F . -6.14 -21.51 -2.90
C6 C2E F . -4.88 -22.29 -3.32
O6 C2E F . -4.33 -23.01 -2.58
N1 C2E F . -4.36 -22.12 -4.65
C2 C2E F . -5.03 -21.24 -5.56
N2 C2E F . -4.52 -21.08 -6.88
N3 C2E F . -6.23 -20.51 -5.15
C4 C2E F . -6.75 -20.68 -3.79
P11 C2E F . -12.41 -21.55 -4.96
O21 C2E F . -11.34 -22.15 -5.82
O11 C2E F . -13.68 -21.36 -5.75
O5A C2E F . -12.76 -22.48 -3.61
C5A C2E F . -13.97 -22.15 -2.98
C4A C2E F . -14.06 -22.84 -1.79
O4A C2E F . -13.90 -24.33 -1.96
C3A C2E F . -12.80 -22.50 -0.84
O3A C2E F . -13.12 -21.18 -0.13
C2A C2E F . -12.77 -23.45 -0.03
O2A C2E F . -13.75 -23.29 1.07
C1A C2E F . -13.29 -24.77 -0.90
N91 C2E F . -12.21 -25.61 -1.27
C81 C2E F . -11.83 -25.61 -2.56
N71 C2E F . -10.81 -26.50 -2.66
C51 C2E F . -10.56 -27.03 -1.47
C61 C2E F . -9.56 -28.09 -0.99
O61 C2E F . -8.78 -28.59 -1.74
N11 C2E F . -9.55 -28.45 0.39
C21 C2E F . -10.49 -27.85 1.30
N21 C2E F . -10.47 -28.24 2.72
N31 C2E F . -11.45 -26.86 0.84
C41 C2E F . -11.45 -26.48 -0.59
#